data_7XZ4
#
_entry.id   7XZ4
#
_cell.length_a   150.336
_cell.length_b   150.336
_cell.length_c   150.336
_cell.angle_alpha   90.000
_cell.angle_beta   90.000
_cell.angle_gamma   90.000
#
_symmetry.space_group_name_H-M   'I 4 3 2'
#
loop_
_entity.id
_entity.type
_entity.pdbx_description
1 polymer Ferritin
2 non-polymer 'FE (III) ION'
3 non-polymer 'PHOSPHATE ION'
4 water water
#
_entity_poly.entity_id   1
_entity_poly.type   'polypeptide(L)'
_entity_poly.pdbx_seq_one_letter_code
;AAGKGKEVLSGVVFQPFEEIKGELSLVPQTPDKSLARQKFVDECEAAINEQINVEYNASYAYHSLFAYFDRDNVALKGFA
KFFKESSDEEREHAEKLMKYQNTRGGRVRLQSIVTPLTEFDHPEKGDALYAMELALALEKLVNEKLHNLHAVATRCNDPQ
LTDFIESEFLADQVEDIKKISEYVAQLRRVGKGHGVWHFDQKLLEEEA
;
_entity_poly.pdbx_strand_id   A
#
# COMPACT_ATOMS: atom_id res chain seq x y z
N LYS A 6 35.63 -24.94 5.40
CA LYS A 6 34.21 -25.04 5.07
C LYS A 6 33.39 -25.53 6.25
N GLU A 7 32.13 -25.13 6.26
CA GLU A 7 31.17 -25.53 7.29
C GLU A 7 29.83 -25.70 6.62
N VAL A 8 29.19 -26.86 6.85
CA VAL A 8 27.85 -27.15 6.36
C VAL A 8 26.94 -27.22 7.56
N LEU A 9 25.93 -26.35 7.60
CA LEU A 9 25.09 -26.18 8.79
C LEU A 9 23.65 -26.34 8.36
N SER A 10 23.02 -27.45 8.74
CA SER A 10 21.68 -27.79 8.25
C SER A 10 21.64 -27.75 6.73
N GLY A 11 22.71 -28.21 6.09
CA GLY A 11 22.75 -28.25 4.64
C GLY A 11 23.26 -26.98 3.97
N VAL A 12 23.52 -25.92 4.73
CA VAL A 12 23.91 -24.62 4.18
C VAL A 12 25.44 -24.52 4.23
N VAL A 13 26.05 -24.36 3.05
CA VAL A 13 27.52 -24.29 2.94
C VAL A 13 27.99 -22.89 3.31
N PHE A 14 28.91 -22.82 4.27
CA PHE A 14 29.60 -21.60 4.67
C PHE A 14 31.03 -21.65 4.16
N GLN A 15 31.34 -20.86 3.16
CA GLN A 15 32.76 -20.80 2.84
C GLN A 15 33.44 -19.74 3.70
N PRO A 16 34.62 -20.01 4.25
CA PRO A 16 35.26 -19.02 5.13
C PRO A 16 35.68 -17.77 4.37
N PHE A 17 35.87 -16.68 5.13
CA PHE A 17 36.27 -15.41 4.54
C PHE A 17 37.72 -15.46 4.11
N GLU A 18 37.96 -15.19 2.84
CA GLU A 18 39.32 -15.20 2.35
C GLU A 18 39.66 -13.89 1.70
N GLU A 19 38.95 -13.52 0.63
CA GLU A 19 39.26 -12.28 -0.10
C GLU A 19 38.09 -11.74 -0.89
N ILE A 20 38.17 -10.47 -1.27
CA ILE A 20 37.13 -9.85 -2.07
C ILE A 20 37.51 -9.71 -3.53
N LYS A 21 37.28 -10.74 -4.34
CA LYS A 21 37.70 -10.70 -5.75
C LYS A 21 36.73 -11.43 -6.62
N GLY A 22 36.18 -12.53 -6.13
CA GLY A 22 35.18 -13.26 -6.88
C GLY A 22 33.95 -12.38 -6.93
N GLU A 23 33.86 -11.45 -5.99
CA GLU A 23 32.71 -10.54 -5.95
C GLU A 23 32.99 -9.31 -6.78
N LEU A 24 34.21 -9.10 -7.21
CA LEU A 24 34.48 -7.97 -8.07
C LEU A 24 33.86 -8.24 -9.43
N SER A 25 33.59 -9.50 -9.73
CA SER A 25 32.91 -9.84 -10.96
C SER A 25 31.44 -9.55 -10.75
N LEU A 26 31.02 -9.47 -9.51
CA LEU A 26 29.67 -9.09 -9.21
C LEU A 26 29.58 -7.59 -9.10
N VAL A 27 30.56 -6.89 -9.65
CA VAL A 27 30.46 -5.44 -9.73
C VAL A 27 30.32 -5.23 -11.22
N PRO A 28 29.11 -4.90 -11.66
CA PRO A 28 28.86 -4.69 -13.08
C PRO A 28 29.67 -3.56 -13.70
N GLN A 29 30.12 -3.74 -14.93
CA GLN A 29 30.94 -2.72 -15.58
C GLN A 29 30.20 -1.97 -16.69
N THR A 30 28.89 -2.21 -16.87
CA THR A 30 28.12 -1.48 -17.86
C THR A 30 27.15 -0.51 -17.19
N PRO A 31 27.03 0.72 -17.69
CA PRO A 31 26.41 1.80 -16.90
C PRO A 31 24.89 1.71 -16.79
N ASP A 32 24.22 0.91 -17.61
CA ASP A 32 22.78 0.79 -17.53
C ASP A 32 22.32 -0.26 -16.53
N LYS A 33 23.23 -0.97 -15.89
CA LYS A 33 22.87 -2.04 -14.97
C LYS A 33 23.06 -1.61 -13.53
N SER A 34 22.16 -2.05 -12.67
CA SER A 34 22.28 -1.77 -11.27
C SER A 34 23.49 -2.40 -10.66
N LEU A 35 24.23 -1.63 -9.89
CA LEU A 35 25.36 -2.18 -9.19
C LEU A 35 24.91 -2.74 -7.85
N ALA A 36 23.77 -2.27 -7.34
CA ALA A 36 23.36 -2.73 -6.02
C ALA A 36 22.74 -4.11 -6.06
N ARG A 37 22.13 -4.47 -7.18
CA ARG A 37 21.28 -5.65 -7.24
C ARG A 37 22.02 -6.90 -6.81
N GLN A 38 21.45 -7.60 -5.83
CA GLN A 38 22.02 -8.84 -5.33
C GLN A 38 20.90 -9.69 -4.73
N LYS A 39 20.70 -10.90 -5.27
CA LYS A 39 19.69 -11.83 -4.78
C LYS A 39 18.30 -11.16 -4.76
N PHE A 40 18.00 -10.48 -5.86
CA PHE A 40 16.75 -9.76 -6.03
C PHE A 40 16.22 -10.16 -7.40
N VAL A 41 15.37 -11.18 -7.44
CA VAL A 41 15.05 -11.80 -8.73
C VAL A 41 13.91 -11.10 -9.44
N ASP A 42 13.70 -11.45 -10.71
CA ASP A 42 12.73 -10.77 -11.55
C ASP A 42 11.31 -10.87 -10.98
N GLU A 43 10.97 -12.00 -10.36
CA GLU A 43 9.63 -12.16 -9.82
C GLU A 43 9.35 -11.15 -8.72
N CYS A 44 10.35 -10.90 -7.85
CA CYS A 44 10.20 -9.91 -6.78
C CYS A 44 10.17 -8.49 -7.32
N GLU A 45 11.04 -8.20 -8.29
CA GLU A 45 10.98 -6.91 -8.98
C GLU A 45 9.59 -6.66 -9.58
N ALA A 46 9.03 -7.67 -10.26
CA ALA A 46 7.72 -7.50 -10.90
C ALA A 46 6.60 -7.40 -9.85
N ALA A 47 6.71 -8.14 -8.77
CA ALA A 47 5.68 -8.08 -7.72
C ALA A 47 5.70 -6.72 -7.01
N ILE A 48 6.88 -6.13 -6.82
CA ILE A 48 6.94 -4.78 -6.26
C ILE A 48 6.27 -3.80 -7.20
N ASN A 49 6.56 -3.92 -8.51
CA ASN A 49 5.91 -3.04 -9.48
C ASN A 49 4.40 -3.21 -9.45
N GLU A 50 3.91 -4.43 -9.24
CA GLU A 50 2.47 -4.59 -9.13
C GLU A 50 1.93 -3.85 -7.91
N GLN A 51 2.59 -4.01 -6.75
CA GLN A 51 2.09 -3.34 -5.57
C GLN A 51 2.19 -1.82 -5.68
N ILE A 52 3.18 -1.30 -6.41
CA ILE A 52 3.21 0.14 -6.66
C ILE A 52 1.95 0.58 -7.38
N ASN A 53 1.54 -0.18 -8.41
CA ASN A 53 0.34 0.19 -9.16
C ASN A 53 -0.93 -0.01 -8.33
N VAL A 54 -0.93 -1.00 -7.44
CA VAL A 54 -2.05 -1.18 -6.52
C VAL A 54 -2.21 0.02 -5.61
N GLU A 55 -1.12 0.45 -4.96
CA GLU A 55 -1.22 1.57 -4.02
C GLU A 55 -1.59 2.87 -4.74
N TYR A 56 -1.01 3.10 -5.91
CA TYR A 56 -1.34 4.30 -6.67
C TYR A 56 -2.80 4.33 -7.09
N ASN A 57 -3.32 3.21 -7.57
CA ASN A 57 -4.74 3.15 -7.92
C ASN A 57 -5.61 3.38 -6.69
N ALA A 58 -5.20 2.84 -5.54
CA ALA A 58 -5.91 3.10 -4.30
C ALA A 58 -5.83 4.57 -3.93
N SER A 59 -4.68 5.20 -4.16
CA SER A 59 -4.57 6.64 -3.92
C SER A 59 -5.58 7.40 -4.78
N TYR A 60 -5.66 7.04 -6.05
CA TYR A 60 -6.56 7.72 -6.97
C TYR A 60 -8.01 7.51 -6.58
N ALA A 61 -8.37 6.29 -6.19
CA ALA A 61 -9.73 6.02 -5.73
C ALA A 61 -10.07 6.87 -4.51
N TYR A 62 -9.15 6.98 -3.56
CA TYR A 62 -9.44 7.81 -2.38
C TYR A 62 -9.58 9.28 -2.76
N HIS A 63 -8.86 9.76 -3.75
CA HIS A 63 -9.01 11.14 -4.20
C HIS A 63 -10.35 11.36 -4.84
N SER A 64 -10.85 10.37 -5.57
CA SER A 64 -12.20 10.47 -6.12
C SER A 64 -13.24 10.50 -5.00
N LEU A 65 -13.05 9.70 -3.96
CA LEU A 65 -13.94 9.75 -2.81
C LEU A 65 -13.89 11.13 -2.16
N PHE A 66 -12.69 11.67 -1.99
CA PHE A 66 -12.55 12.99 -1.41
C PHE A 66 -13.33 14.01 -2.23
N ALA A 67 -13.23 13.91 -3.55
CA ALA A 67 -13.84 14.91 -4.42
C ALA A 67 -15.37 14.89 -4.30
N TYR A 68 -15.94 13.73 -4.01
CA TYR A 68 -17.39 13.64 -3.84
C TYR A 68 -17.83 14.25 -2.52
N PHE A 69 -17.20 13.86 -1.40
CA PHE A 69 -17.65 14.36 -0.11
C PHE A 69 -17.28 15.81 0.13
N ASP A 70 -16.40 16.37 -0.69
CA ASP A 70 -16.08 17.79 -0.64
C ASP A 70 -17.11 18.65 -1.36
N ARG A 71 -18.15 18.04 -1.93
CA ARG A 71 -19.20 18.80 -2.62
C ARG A 71 -20.05 19.54 -1.59
N ASP A 72 -20.50 20.74 -1.98
CA ASP A 72 -21.23 21.59 -1.04
C ASP A 72 -22.55 20.97 -0.64
N ASN A 73 -23.15 20.17 -1.52
CA ASN A 73 -24.43 19.55 -1.22
C ASN A 73 -24.29 18.23 -0.47
N VAL A 74 -23.07 17.71 -0.37
CA VAL A 74 -22.79 16.58 0.49
C VAL A 74 -22.25 17.04 1.84
N ALA A 75 -21.23 17.90 1.82
CA ALA A 75 -20.84 18.69 2.98
C ALA A 75 -20.44 17.80 4.17
N LEU A 76 -19.67 16.75 3.92
CA LEU A 76 -19.16 15.91 4.99
C LEU A 76 -17.65 16.14 5.03
N LYS A 77 -17.28 17.25 5.63
CA LYS A 77 -15.88 17.65 5.60
C LYS A 77 -14.92 16.70 6.29
N GLY A 78 -15.36 16.07 7.35
CA GLY A 78 -14.52 15.08 7.98
C GLY A 78 -14.23 13.90 7.07
N PHE A 79 -15.26 13.44 6.35
CA PHE A 79 -15.05 12.37 5.38
C PHE A 79 -14.11 12.82 4.26
N ALA A 80 -14.37 14.01 3.71
CA ALA A 80 -13.53 14.52 2.62
C ALA A 80 -12.06 14.55 3.04
N LYS A 81 -11.80 15.13 4.22
CA LYS A 81 -10.43 15.19 4.73
C LYS A 81 -9.88 13.80 5.00
N PHE A 82 -10.71 12.91 5.55
CA PHE A 82 -10.25 11.54 5.77
C PHE A 82 -9.82 10.89 4.47
N PHE A 83 -10.64 11.03 3.43
CA PHE A 83 -10.32 10.40 2.15
C PHE A 83 -9.13 11.07 1.47
N LYS A 84 -9.01 12.40 1.62
CA LYS A 84 -7.84 13.09 1.08
C LYS A 84 -6.57 12.55 1.74
N GLU A 85 -6.59 12.40 3.06
CA GLU A 85 -5.38 11.95 3.75
C GLU A 85 -5.06 10.50 3.43
N SER A 86 -6.09 9.68 3.28
CA SER A 86 -5.89 8.29 2.85
C SER A 86 -5.25 8.25 1.45
N SER A 87 -5.65 9.18 0.58
CA SER A 87 -5.05 9.25 -0.75
C SER A 87 -3.57 9.61 -0.65
N ASP A 88 -3.25 10.61 0.18
CA ASP A 88 -1.85 10.94 0.45
C ASP A 88 -1.10 9.73 0.97
N GLU A 89 -1.73 8.97 1.88
CA GLU A 89 -1.06 7.83 2.49
C GLU A 89 -0.81 6.72 1.47
N GLU A 90 -1.81 6.40 0.64
CA GLU A 90 -1.58 5.36 -0.37
C GLU A 90 -0.47 5.78 -1.33
N ARG A 91 -0.42 7.06 -1.67
CA ARG A 91 0.66 7.54 -2.54
C ARG A 91 2.01 7.44 -1.85
N GLU A 92 2.08 7.76 -0.56
N GLU A 92 2.07 7.71 -0.56
CA GLU A 92 3.33 7.55 0.17
CA GLU A 92 3.32 7.55 0.18
C GLU A 92 3.75 6.08 0.17
C GLU A 92 3.74 6.08 0.14
N HIS A 93 2.79 5.16 0.30
CA HIS A 93 3.12 3.75 0.21
C HIS A 93 3.74 3.44 -1.15
N ALA A 94 3.11 3.91 -2.22
CA ALA A 94 3.64 3.70 -3.56
C ALA A 94 5.05 4.23 -3.65
N GLU A 95 5.27 5.45 -3.19
CA GLU A 95 6.61 6.04 -3.22
C GLU A 95 7.61 5.22 -2.40
N LYS A 96 7.23 4.78 -1.21
CA LYS A 96 8.15 3.96 -0.43
C LYS A 96 8.51 2.68 -1.17
N LEU A 97 7.54 2.08 -1.85
CA LEU A 97 7.84 0.90 -2.64
C LEU A 97 8.72 1.25 -3.83
N MET A 98 8.55 2.43 -4.41
CA MET A 98 9.44 2.82 -5.50
C MET A 98 10.87 3.00 -5.00
N LYS A 99 11.03 3.64 -3.83
N LYS A 99 11.04 3.63 -3.84
CA LYS A 99 12.36 3.78 -3.25
CA LYS A 99 12.36 3.78 -3.26
C LYS A 99 12.97 2.42 -2.97
C LYS A 99 12.98 2.42 -2.97
N TYR A 100 12.17 1.48 -2.45
CA TYR A 100 12.68 0.15 -2.14
C TYR A 100 13.14 -0.56 -3.40
N GLN A 101 12.32 -0.53 -4.45
CA GLN A 101 12.72 -1.12 -5.73
C GLN A 101 14.10 -0.65 -6.16
N ASN A 102 14.37 0.65 -6.03
CA ASN A 102 15.66 1.19 -6.44
C ASN A 102 16.76 0.84 -5.46
N THR A 103 16.42 0.76 -4.16
CA THR A 103 17.39 0.29 -3.18
C THR A 103 17.87 -1.13 -3.51
N ARG A 104 16.97 -2.01 -3.95
CA ARG A 104 17.36 -3.37 -4.26
C ARG A 104 17.91 -3.51 -5.68
N GLY A 105 17.87 -2.45 -6.48
CA GLY A 105 18.41 -2.51 -7.82
C GLY A 105 17.45 -3.00 -8.90
N GLY A 106 16.15 -3.04 -8.62
CA GLY A 106 15.16 -3.26 -9.65
C GLY A 106 14.80 -1.98 -10.37
N ARG A 107 13.96 -2.11 -11.39
CA ARG A 107 13.50 -0.97 -12.17
C ARG A 107 12.03 -0.69 -11.87
N VAL A 108 11.73 0.55 -11.47
CA VAL A 108 10.35 0.96 -11.28
C VAL A 108 9.67 1.10 -12.64
N ARG A 109 8.50 0.50 -12.79
CA ARG A 109 7.73 0.55 -14.04
C ARG A 109 6.32 1.01 -13.71
N LEU A 110 6.07 2.30 -13.82
CA LEU A 110 4.75 2.82 -13.49
C LEU A 110 3.77 2.47 -14.59
N GLN A 111 2.61 1.92 -14.23
N GLN A 111 2.62 1.90 -14.23
CA GLN A 111 1.59 1.51 -15.19
CA GLN A 111 1.59 1.49 -15.16
C GLN A 111 0.40 2.47 -15.12
C GLN A 111 0.41 2.46 -15.11
N SER A 112 -0.57 2.19 -15.98
CA SER A 112 -1.74 3.05 -16.12
C SER A 112 -2.59 3.03 -14.87
N ILE A 113 -3.31 4.12 -14.66
CA ILE A 113 -4.28 4.24 -13.57
C ILE A 113 -5.66 4.38 -14.20
N VAL A 114 -6.59 3.55 -13.76
CA VAL A 114 -7.91 3.45 -14.37
C VAL A 114 -8.82 4.52 -13.79
N THR A 115 -9.81 4.91 -14.56
CA THR A 115 -10.86 5.82 -14.09
C THR A 115 -11.51 5.24 -12.84
N PRO A 116 -11.53 6.04 -11.74
CA PRO A 116 -12.21 5.42 -10.62
C PRO A 116 -13.68 5.74 -10.58
N LEU A 117 -14.34 5.27 -9.56
CA LEU A 117 -15.74 5.60 -9.38
C LEU A 117 -15.81 7.03 -8.90
N THR A 118 -16.80 7.78 -9.33
CA THR A 118 -16.92 9.19 -8.97
C THR A 118 -18.16 9.54 -8.16
N GLU A 119 -19.22 8.77 -8.32
CA GLU A 119 -20.47 9.05 -7.62
C GLU A 119 -20.73 7.99 -6.56
N PHE A 120 -21.04 8.46 -5.35
CA PHE A 120 -21.26 7.62 -4.17
C PHE A 120 -22.58 8.01 -3.52
N ASP A 121 -23.56 8.34 -4.36
CA ASP A 121 -24.93 8.64 -3.97
C ASP A 121 -25.67 7.33 -3.78
N HIS A 122 -25.86 6.92 -2.53
CA HIS A 122 -26.48 5.62 -2.22
C HIS A 122 -27.44 5.81 -1.07
N PRO A 123 -28.71 6.10 -1.37
CA PRO A 123 -29.63 6.55 -0.32
C PRO A 123 -29.98 5.51 0.73
N GLU A 124 -29.98 4.21 0.38
CA GLU A 124 -30.41 3.22 1.36
C GLU A 124 -29.45 3.10 2.55
N LYS A 125 -28.19 2.77 2.27
CA LYS A 125 -27.16 2.80 3.31
C LYS A 125 -26.85 4.23 3.71
N GLY A 126 -27.04 5.20 2.82
CA GLY A 126 -26.52 6.54 3.03
C GLY A 126 -25.13 6.68 2.45
N ASP A 127 -24.80 7.88 1.97
CA ASP A 127 -23.53 8.08 1.31
C ASP A 127 -22.36 7.74 2.23
N ALA A 128 -22.46 8.11 3.51
CA ALA A 128 -21.32 7.98 4.42
C ALA A 128 -21.00 6.53 4.72
N LEU A 129 -22.02 5.75 5.10
CA LEU A 129 -21.81 4.34 5.36
C LEU A 129 -21.34 3.61 4.12
N TYR A 130 -21.99 3.88 2.98
CA TYR A 130 -21.58 3.20 1.75
C TYR A 130 -20.12 3.45 1.43
N ALA A 131 -19.71 4.72 1.50
CA ALA A 131 -18.34 5.07 1.16
C ALA A 131 -17.35 4.47 2.15
N MET A 132 -17.67 4.48 3.45
CA MET A 132 -16.76 3.85 4.40
C MET A 132 -16.66 2.34 4.18
N GLU A 133 -17.75 1.69 3.76
CA GLU A 133 -17.67 0.28 3.41
C GLU A 133 -16.83 0.07 2.16
N LEU A 134 -16.99 0.94 1.17
CA LEU A 134 -16.13 0.95 -0.01
C LEU A 134 -14.67 1.08 0.39
N ALA A 135 -14.37 2.03 1.28
CA ALA A 135 -12.99 2.19 1.74
C ALA A 135 -12.47 0.92 2.40
N LEU A 136 -13.30 0.30 3.24
CA LEU A 136 -12.91 -0.97 3.85
C LEU A 136 -12.60 -2.02 2.79
N ALA A 137 -13.48 -2.14 1.79
CA ALA A 137 -13.23 -3.11 0.73
C ALA A 137 -11.94 -2.80 -0.01
N LEU A 138 -11.67 -1.51 -0.26
CA LEU A 138 -10.44 -1.12 -0.93
C LEU A 138 -9.20 -1.49 -0.10
N GLU A 139 -9.21 -1.18 1.18
CA GLU A 139 -8.10 -1.60 2.04
C GLU A 139 -7.89 -3.11 2.04
N LYS A 140 -8.99 -3.88 2.10
CA LYS A 140 -8.86 -5.34 2.04
C LYS A 140 -8.27 -5.79 0.70
N LEU A 141 -8.62 -5.11 -0.38
CA LEU A 141 -8.04 -5.42 -1.69
C LEU A 141 -6.54 -5.15 -1.68
N VAL A 142 -6.12 -4.01 -1.14
CA VAL A 142 -4.69 -3.71 -1.05
C VAL A 142 -4.00 -4.75 -0.17
N ASN A 143 -4.66 -5.17 0.92
CA ASN A 143 -4.08 -6.21 1.79
C ASN A 143 -3.90 -7.53 1.05
N GLU A 144 -4.86 -7.91 0.21
CA GLU A 144 -4.72 -9.14 -0.60
C GLU A 144 -3.47 -9.06 -1.48
N LYS A 145 -3.30 -7.93 -2.18
CA LYS A 145 -2.13 -7.74 -3.02
C LYS A 145 -0.85 -7.77 -2.20
N LEU A 146 -0.83 -7.13 -1.03
CA LEU A 146 0.33 -7.21 -0.16
C LEU A 146 0.66 -8.65 0.22
N HIS A 147 -0.38 -9.48 0.41
CA HIS A 147 -0.16 -10.89 0.71
C HIS A 147 0.39 -11.64 -0.50
N ASN A 148 -0.10 -11.30 -1.70
CA ASN A 148 0.49 -11.85 -2.92
C ASN A 148 1.96 -11.47 -3.01
N LEU A 149 2.27 -10.20 -2.80
CA LEU A 149 3.66 -9.74 -2.85
C LEU A 149 4.49 -10.49 -1.84
N HIS A 150 3.97 -10.70 -0.64
CA HIS A 150 4.71 -11.41 0.39
C HIS A 150 4.94 -12.86 -0.01
N ALA A 151 3.96 -13.49 -0.67
CA ALA A 151 4.10 -14.89 -1.05
C ALA A 151 5.18 -15.05 -2.11
N VAL A 152 5.26 -14.11 -3.05
CA VAL A 152 6.34 -14.13 -4.04
C VAL A 152 7.70 -14.06 -3.35
N ALA A 153 7.83 -13.13 -2.39
CA ALA A 153 9.11 -12.94 -1.71
C ALA A 153 9.50 -14.17 -0.89
N THR A 154 8.52 -14.82 -0.24
CA THR A 154 8.82 -16.05 0.49
C THR A 154 9.28 -17.15 -0.46
N ARG A 155 8.57 -17.30 -1.58
CA ARG A 155 8.92 -18.34 -2.53
C ARG A 155 10.30 -18.10 -3.14
N CYS A 156 10.69 -16.85 -3.31
CA CYS A 156 12.00 -16.54 -3.86
C CYS A 156 13.08 -16.47 -2.80
N ASN A 157 12.77 -16.79 -1.55
N ASN A 157 12.75 -16.81 -1.56
CA ASN A 157 13.75 -16.76 -0.47
CA ASN A 157 13.67 -16.74 -0.42
C ASN A 157 14.44 -15.40 -0.39
C ASN A 157 14.41 -15.41 -0.40
N ASP A 158 13.64 -14.33 -0.37
CA ASP A 158 14.16 -12.98 -0.24
C ASP A 158 13.77 -12.48 1.13
N PRO A 159 14.56 -12.76 2.16
CA PRO A 159 14.12 -12.46 3.54
C PRO A 159 14.15 -10.98 3.86
N GLN A 160 15.01 -10.20 3.22
CA GLN A 160 14.99 -8.77 3.43
C GLN A 160 13.68 -8.19 2.92
N LEU A 161 13.20 -8.70 1.79
CA LEU A 161 11.94 -8.23 1.23
C LEU A 161 10.75 -8.64 2.10
N THR A 162 10.71 -9.90 2.55
CA THR A 162 9.61 -10.29 3.43
C THR A 162 9.56 -9.40 4.68
N ASP A 163 10.70 -9.20 5.33
CA ASP A 163 10.72 -8.32 6.50
C ASP A 163 10.31 -6.90 6.16
N PHE A 164 10.80 -6.38 5.02
CA PHE A 164 10.37 -5.05 4.58
C PHE A 164 8.86 -4.98 4.48
N ILE A 165 8.24 -5.95 3.80
CA ILE A 165 6.79 -5.96 3.64
C ILE A 165 6.10 -6.08 4.99
N GLU A 166 6.57 -6.98 5.85
CA GLU A 166 5.93 -7.13 7.15
C GLU A 166 6.05 -5.87 7.98
N SER A 167 7.26 -5.32 8.10
CA SER A 167 7.48 -4.19 9.00
C SER A 167 6.89 -2.91 8.45
N GLU A 168 7.00 -2.65 7.14
CA GLU A 168 6.62 -1.36 6.60
C GLU A 168 5.14 -1.37 6.24
N PHE A 169 4.61 -2.43 5.62
CA PHE A 169 3.22 -2.40 5.19
C PHE A 169 2.15 -3.23 5.88
N LEU A 170 2.47 -4.46 6.29
CA LEU A 170 1.40 -5.36 6.75
C LEU A 170 0.81 -4.86 8.06
N ALA A 171 1.65 -4.32 8.93
CA ALA A 171 1.19 -3.90 10.25
C ALA A 171 0.30 -2.66 10.13
N ASP A 172 0.73 -1.67 9.36
CA ASP A 172 -0.14 -0.52 9.07
C ASP A 172 -1.43 -0.96 8.40
N GLN A 173 -1.34 -1.93 7.49
CA GLN A 173 -2.51 -2.37 6.76
C GLN A 173 -3.58 -2.94 7.70
N VAL A 174 -3.18 -3.83 8.63
CA VAL A 174 -4.20 -4.38 9.53
C VAL A 174 -4.72 -3.32 10.48
N GLU A 175 -3.87 -2.33 10.84
CA GLU A 175 -4.34 -1.24 11.69
C GLU A 175 -5.32 -0.33 10.96
N ASP A 176 -5.03 -0.01 9.69
CA ASP A 176 -5.99 0.74 8.87
C ASP A 176 -7.31 0.01 8.73
N ILE A 177 -7.28 -1.31 8.55
CA ILE A 177 -8.51 -2.05 8.34
C ILE A 177 -9.38 -2.06 9.60
N LYS A 178 -8.78 -2.29 10.78
CA LYS A 178 -9.53 -2.20 12.02
C LYS A 178 -10.11 -0.82 12.23
N LYS A 179 -9.33 0.21 11.97
CA LYS A 179 -9.81 1.58 12.15
C LYS A 179 -11.04 1.83 11.28
N ILE A 180 -10.96 1.44 10.01
CA ILE A 180 -12.07 1.68 9.10
C ILE A 180 -13.24 0.76 9.42
N SER A 181 -12.95 -0.48 9.81
CA SER A 181 -14.02 -1.36 10.28
C SER A 181 -14.75 -0.72 11.46
N GLU A 182 -14.00 -0.14 12.39
CA GLU A 182 -14.64 0.53 13.52
C GLU A 182 -15.48 1.71 13.04
N TYR A 183 -15.01 2.45 12.03
CA TYR A 183 -15.81 3.52 11.45
C TYR A 183 -17.12 2.99 10.87
N VAL A 184 -17.07 1.88 10.15
CA VAL A 184 -18.29 1.27 9.61
C VAL A 184 -19.25 0.93 10.74
N ALA A 185 -18.73 0.28 11.79
CA ALA A 185 -19.57 -0.11 12.91
C ALA A 185 -20.22 1.09 13.56
N GLN A 186 -19.44 2.16 13.75
CA GLN A 186 -19.98 3.38 14.37
C GLN A 186 -21.04 4.02 13.49
N LEU A 187 -20.79 4.08 12.18
CA LEU A 187 -21.77 4.68 11.28
C LEU A 187 -23.08 3.90 11.30
N ARG A 188 -23.01 2.57 11.40
CA ARG A 188 -24.22 1.77 11.53
C ARG A 188 -24.95 2.07 12.83
N ARG A 189 -24.20 2.28 13.91
CA ARG A 189 -24.82 2.57 15.19
C ARG A 189 -25.47 3.95 15.23
N VAL A 190 -24.82 4.98 14.65
CA VAL A 190 -25.37 6.33 14.80
C VAL A 190 -26.55 6.55 13.86
N GLY A 191 -26.58 5.84 12.74
CA GLY A 191 -27.64 6.00 11.77
C GLY A 191 -27.49 7.27 10.94
N LYS A 192 -28.23 7.30 9.84
CA LYS A 192 -28.24 8.43 8.93
C LYS A 192 -28.76 9.71 9.60
N GLY A 193 -28.37 10.83 9.04
CA GLY A 193 -28.88 12.13 9.46
C GLY A 193 -28.00 12.77 10.53
N HIS A 194 -28.58 13.07 11.69
CA HIS A 194 -27.83 13.72 12.75
C HIS A 194 -26.64 12.87 13.19
N GLY A 195 -26.83 11.55 13.29
CA GLY A 195 -25.73 10.69 13.69
C GLY A 195 -24.55 10.74 12.74
N VAL A 196 -24.81 10.63 11.45
CA VAL A 196 -23.74 10.70 10.45
C VAL A 196 -23.01 12.04 10.55
N TRP A 197 -23.77 13.14 10.60
CA TRP A 197 -23.16 14.47 10.72
C TRP A 197 -22.27 14.56 11.95
N HIS A 198 -22.72 14.00 13.06
CA HIS A 198 -21.95 14.03 14.31
C HIS A 198 -20.68 13.20 14.17
N PHE A 199 -20.80 11.99 13.62
CA PHE A 199 -19.62 11.19 13.33
C PHE A 199 -18.64 11.96 12.47
N ASP A 200 -19.15 12.61 11.43
CA ASP A 200 -18.31 13.43 10.58
C ASP A 200 -17.60 14.53 11.37
N GLN A 201 -18.29 15.14 12.34
CA GLN A 201 -17.64 16.20 13.13
C GLN A 201 -16.51 15.64 13.99
N LYS A 202 -16.68 14.42 14.50
CA LYS A 202 -15.63 13.79 15.29
C LYS A 202 -14.46 13.37 14.41
N LEU A 203 -14.75 12.89 13.20
CA LEU A 203 -13.70 12.61 12.22
C LEU A 203 -12.88 13.86 11.93
N LEU A 204 -13.55 15.00 11.72
CA LEU A 204 -12.87 16.26 11.46
C LEU A 204 -11.98 16.67 12.63
N GLU A 205 -12.45 16.51 13.87
CA GLU A 205 -11.62 16.82 15.03
C GLU A 205 -10.41 15.89 15.13
N GLU A 206 -10.60 14.58 14.91
CA GLU A 206 -9.45 13.67 14.93
C GLU A 206 -8.38 14.11 13.93
N GLU A 207 -8.80 14.68 12.82
CA GLU A 207 -7.90 14.98 11.71
C GLU A 207 -7.22 16.33 11.85
N ALA A 208 -7.48 17.05 12.93
CA ALA A 208 -6.65 18.19 13.37
C ALA A 208 -6.35 19.20 12.27
#